data_7PYR
#
_entry.id   7PYR
#
_cell.length_a   39.310
_cell.length_b   180.110
_cell.length_c   140.400
_cell.angle_alpha   90.000
_cell.angle_beta   90.000
_cell.angle_gamma   90.000
#
_symmetry.space_group_name_H-M   'C 2 2 21'
#
loop_
_entity.id
_entity.type
_entity.pdbx_description
1 polymer 'Adenosine receptor A2a,Soluble cytochrome b562,Adenosine receptor A2a'
2 non-polymer CHOLESTEROL
3 non-polymer 2-[2-[2-[2-[2-[2-[4-[4-[2-[7-azanyl-4-(furan-2-yl)-3,5,6,8,10,11-hexazatricyclo[7.3.0.0^{2,6}]dodeca-1(9),2,4,7,11-pentaen-10-yl]ethyl]piperazin-1-yl]phenoxy]ethanoylamino]ethoxy]ethoxy]ethoxy]ethoxy]-~{N}-[5-[2,2-bis(fluoranyl)-4,6,10,12-tetramethyl-1,3-diaza-2$l^{4}-boratricyclo[7.3.0.0^{3,7}]dodeca-4,6,9,11-tetraen-8-yl]pentyl]ethanamide
4 non-polymer 'OLEIC ACID'
5 non-polymer '(2R)-2,3-dihydroxypropyl (9Z)-octadec-9-enoate'
6 non-polymer DI(HYDROXYETHYL)ETHER
7 water water
#
_entity_poly.entity_id   1
_entity_poly.type   'polypeptide(L)'
_entity_poly.pdbx_seq_one_letter_code
;MKTIIALSYIFCLVFADYKDDDDGAPPIMGSSVYITVELAIAVLAILGNVLVCWAVWLNSNLQNVTNYFVVSLAAADIAV
GVLAIPFAITISTGFCAACHGCLFIACFVLVLTQSKIFSLLAIAIDRYIAIRIPLRYNGLVTGTRAKGIIAICWVLSFAI
GLTPMLGWNNCGQPKEGKNHSQGCGEGQVACLFEDVVPMNYMVYFNFFACVLVPLLLMLGVYLRIFLAARRQLADLEDNW
ETLNDNLKVIEKADNAAQVKDALTKMRAAALDAQKATPPKLEDKSPDSPEMKDFRHGFDILVGQIDDALKLANEGKVKEA
QAAAEQLKTTRNAYIQKYLERARSTLQKEVHAAKSLAIIVGLFALCWLPLHIINCFTFFCPDCSHAPLWLMYLAIVLSHT
NSVVNPFIYAYRIREFRQTFRKIIRSHVLRQQEPFKAHHHHHHHHHH
;
_entity_poly.pdbx_strand_id   A
#
loop_
_chem_comp.id
_chem_comp.type
_chem_comp.name
_chem_comp.formula
8IM non-polymer 2-[2-[2-[2-[2-[2-[4-[4-[2-[7-azanyl-4-(furan-2-yl)-3,5,6,8,10,11-hexazatricyclo[7.3.0.0^{2,6}]dodeca-1(9),2,4,7,11-pentaen-10-yl]ethyl]piperazin-1-yl]phenoxy]ethanoylamino]ethoxy]ethoxy]ethoxy]ethoxy]-~{N}-[5-[2,2-bis(fluoranyl)-4,6,10,12-tetramethyl-1,3-diaza-2$l^{4}-boratricyclo[7.3.0.0^{3,7}]dodeca-4,6,9,11-tetraen-8-yl]pentyl]ethanamide 'C52 H68 B F2 N13 O8'
CLR non-polymer CHOLESTEROL 'C27 H46 O'
OLA non-polymer 'OLEIC ACID' 'C18 H34 O2'
OLC non-polymer '(2R)-2,3-dihydroxypropyl (9Z)-octadec-9-enoate' 'C21 H40 O4'
PEG non-polymer DI(HYDROXYETHYL)ETHER 'C4 H10 O3'
#
# COMPACT_ATOMS: atom_id res chain seq x y z
N ASP A 23 -23.67 30.05 -29.78
CA ASP A 23 -24.61 30.46 -28.74
C ASP A 23 -24.33 29.75 -27.43
N GLY A 24 -23.08 29.29 -27.26
CA GLY A 24 -22.68 28.72 -26.00
C GLY A 24 -22.32 29.78 -24.97
N ALA A 25 -22.53 29.44 -23.70
CA ALA A 25 -22.20 30.34 -22.61
C ALA A 25 -20.71 30.71 -22.67
N PRO A 26 -20.34 31.90 -22.22
CA PRO A 26 -18.93 32.32 -22.27
C PRO A 26 -18.02 31.29 -21.62
N PRO A 27 -16.92 30.93 -22.27
CA PRO A 27 -16.06 29.86 -21.72
C PRO A 27 -15.43 30.21 -20.39
N ILE A 28 -15.19 31.50 -20.12
CA ILE A 28 -14.52 31.89 -18.89
C ILE A 28 -15.38 31.63 -17.65
N MET A 29 -16.69 31.48 -17.81
CA MET A 29 -17.56 31.23 -16.67
C MET A 29 -17.33 29.84 -16.11
N GLY A 30 -17.53 28.80 -16.94
CA GLY A 30 -17.20 27.46 -16.51
C GLY A 30 -15.73 27.28 -16.25
N SER A 31 -14.89 28.08 -16.91
CA SER A 31 -13.45 28.03 -16.64
C SER A 31 -13.14 28.53 -15.23
N SER A 32 -13.86 29.56 -14.77
CA SER A 32 -13.60 30.11 -13.45
C SER A 32 -13.91 29.10 -12.35
N VAL A 33 -14.99 28.34 -12.51
CA VAL A 33 -15.32 27.30 -11.54
C VAL A 33 -14.23 26.24 -11.52
N TYR A 34 -13.87 25.73 -12.70
CA TYR A 34 -12.84 24.69 -12.78
C TYR A 34 -11.51 25.18 -12.21
N ILE A 35 -11.12 26.41 -12.53
CA ILE A 35 -9.86 26.95 -12.02
C ILE A 35 -9.93 27.08 -10.50
N THR A 36 -11.05 27.56 -9.98
CA THR A 36 -11.17 27.75 -8.53
C THR A 36 -11.14 26.41 -7.79
N VAL A 37 -11.81 25.40 -8.35
CA VAL A 37 -11.81 24.08 -7.70
C VAL A 37 -10.41 23.47 -7.72
N GLU A 38 -9.68 23.67 -8.82
CA GLU A 38 -8.32 23.14 -8.90
C GLU A 38 -7.40 23.80 -7.88
N LEU A 39 -7.51 25.12 -7.71
CA LEU A 39 -6.68 25.80 -6.73
C LEU A 39 -7.01 25.36 -5.32
N ALA A 40 -8.30 25.12 -5.04
CA ALA A 40 -8.69 24.62 -3.73
C ALA A 40 -8.08 23.25 -3.47
N ILE A 41 -8.08 22.37 -4.48
CA ILE A 41 -7.49 21.05 -4.32
C ILE A 41 -5.98 21.16 -4.13
N ALA A 42 -5.33 22.06 -4.86
CA ALA A 42 -3.89 22.20 -4.75
C ALA A 42 -3.48 22.65 -3.35
N VAL A 43 -4.21 23.60 -2.77
CA VAL A 43 -3.88 24.07 -1.42
C VAL A 43 -4.06 22.93 -0.42
N LEU A 44 -5.16 22.17 -0.53
CA LEU A 44 -5.37 21.07 0.41
C LEU A 44 -4.36 19.96 0.21
N ALA A 45 -3.92 19.72 -1.03
CA ALA A 45 -2.94 18.66 -1.27
C ALA A 45 -1.57 19.03 -0.71
N ILE A 46 -1.21 20.31 -0.79
CA ILE A 46 0.07 20.75 -0.27
C ILE A 46 0.06 20.72 1.26
N LEU A 47 -0.98 21.28 1.87
CA LEU A 47 -1.04 21.37 3.33
C LEU A 47 -1.06 19.98 3.96
N GLY A 48 -1.90 19.09 3.46
CA GLY A 48 -2.04 17.78 4.07
C GLY A 48 -0.79 16.94 3.98
N ASN A 49 -0.14 16.93 2.82
CA ASN A 49 1.02 16.08 2.62
C ASN A 49 2.31 16.66 3.18
N VAL A 50 2.38 17.99 3.33
CA VAL A 50 3.49 18.57 4.09
C VAL A 50 3.36 18.16 5.55
N LEU A 51 2.14 18.09 6.06
CA LEU A 51 1.92 17.62 7.43
C LEU A 51 2.33 16.17 7.59
N VAL A 52 2.19 15.35 6.55
CA VAL A 52 2.66 13.97 6.60
C VAL A 52 4.19 13.94 6.69
N CYS A 53 4.86 14.70 5.81
CA CYS A 53 6.32 14.72 5.83
C CYS A 53 6.86 15.31 7.12
N TRP A 54 6.20 16.36 7.64
CA TRP A 54 6.60 16.92 8.92
C TRP A 54 6.45 15.91 10.05
N ALA A 55 5.41 15.07 9.99
CA ALA A 55 5.21 14.07 11.04
C ALA A 55 6.30 13.01 11.01
N VAL A 56 6.66 12.52 9.82
CA VAL A 56 7.70 11.50 9.72
C VAL A 56 9.03 12.04 10.19
N TRP A 57 9.34 13.30 9.84
CA TRP A 57 10.57 13.91 10.31
C TRP A 57 10.60 14.05 11.83
N LEU A 58 9.44 14.22 12.45
CA LEU A 58 9.41 14.61 13.86
C LEU A 58 9.48 13.40 14.79
N ASN A 59 8.75 12.34 14.45
CA ASN A 59 8.55 11.21 15.34
C ASN A 59 9.39 10.02 14.89
N SER A 60 10.27 9.55 15.77
CA SER A 60 11.15 8.43 15.42
C SER A 60 10.36 7.14 15.22
N ASN A 61 9.20 7.02 15.86
CA ASN A 61 8.35 5.85 15.66
C ASN A 61 7.82 5.76 14.23
N LEU A 62 7.74 6.89 13.52
CA LEU A 62 7.32 6.90 12.12
C LEU A 62 8.50 6.79 11.15
N GLN A 63 9.72 6.59 11.65
CA GLN A 63 10.90 6.53 10.81
C GLN A 63 11.34 5.08 10.61
N ASN A 64 10.53 4.35 9.86
CA ASN A 64 10.83 3.00 9.42
C ASN A 64 10.86 2.98 7.89
N VAL A 65 11.23 1.81 7.34
CA VAL A 65 11.38 1.70 5.89
C VAL A 65 10.04 1.92 5.19
N THR A 66 8.96 1.38 5.76
CA THR A 66 7.64 1.52 5.14
C THR A 66 7.29 2.98 4.91
N ASN A 67 7.50 3.83 5.93
CA ASN A 67 7.13 5.23 5.80
C ASN A 67 8.06 6.01 4.88
N TYR A 68 9.21 5.46 4.50
CA TYR A 68 10.04 6.13 3.51
C TYR A 68 9.34 6.17 2.15
N PHE A 69 8.61 5.10 1.82
CA PHE A 69 7.77 5.13 0.62
C PHE A 69 6.55 6.03 0.82
N VAL A 70 6.04 6.11 2.05
CA VAL A 70 4.93 7.03 2.33
C VAL A 70 5.38 8.47 2.13
N VAL A 71 6.62 8.77 2.49
CA VAL A 71 7.16 10.12 2.24
C VAL A 71 7.33 10.36 0.75
N SER A 72 7.85 9.38 0.02
CA SER A 72 7.92 9.49 -1.43
C SER A 72 6.53 9.64 -2.03
N LEU A 73 5.55 8.95 -1.46
CA LEU A 73 4.17 9.11 -1.89
C LEU A 73 3.66 10.52 -1.62
N ALA A 74 4.03 11.08 -0.46
CA ALA A 74 3.59 12.43 -0.11
C ALA A 74 4.30 13.48 -0.93
N ALA A 75 5.57 13.24 -1.31
CA ALA A 75 6.30 14.20 -2.13
C ALA A 75 5.68 14.34 -3.51
N ALA A 76 5.14 13.24 -4.07
CA ALA A 76 4.49 13.32 -5.37
C ALA A 76 3.18 14.09 -5.30
N ASP A 77 2.42 13.91 -4.21
CA ASP A 77 1.17 14.64 -4.06
C ASP A 77 1.41 16.12 -3.83
N ILE A 78 2.48 16.47 -3.10
CA ILE A 78 2.87 17.87 -2.99
C ILE A 78 3.18 18.43 -4.38
N ALA A 79 3.85 17.65 -5.23
CA ALA A 79 4.16 18.10 -6.58
C ALA A 79 2.91 18.19 -7.45
N VAL A 80 1.86 17.43 -7.14
CA VAL A 80 0.61 17.57 -7.88
C VAL A 80 0.01 18.95 -7.66
N GLY A 81 -0.02 19.41 -6.42
CA GLY A 81 -0.59 20.72 -6.13
C GLY A 81 0.31 21.86 -6.56
N VAL A 82 1.63 21.66 -6.52
CA VAL A 82 2.56 22.73 -6.84
C VAL A 82 2.72 22.88 -8.35
N LEU A 83 2.76 21.76 -9.08
CA LEU A 83 3.07 21.80 -10.51
C LEU A 83 1.98 21.18 -11.37
N ALA A 84 1.51 19.98 -11.03
CA ALA A 84 0.62 19.27 -11.92
C ALA A 84 -0.72 20.00 -12.08
N ILE A 85 -1.23 20.58 -11.01
CA ILE A 85 -2.51 21.27 -11.06
C ILE A 85 -2.36 22.60 -11.79
N PRO A 86 -1.33 23.42 -11.52
CA PRO A 86 -1.09 24.58 -12.41
C PRO A 86 -0.90 24.19 -13.87
N PHE A 87 -0.26 23.04 -14.14
CA PHE A 87 -0.13 22.59 -15.53
C PHE A 87 -1.49 22.23 -16.11
N ALA A 88 -2.39 21.67 -15.29
CA ALA A 88 -3.72 21.32 -15.76
C ALA A 88 -4.53 22.57 -16.12
N ILE A 89 -4.45 23.59 -15.27
CA ILE A 89 -5.14 24.85 -15.57
C ILE A 89 -4.57 25.46 -16.85
N THR A 90 -3.25 25.35 -17.05
CA THR A 90 -2.63 25.92 -18.24
C THR A 90 -3.12 25.22 -19.50
N ILE A 91 -3.06 23.89 -19.53
CA ILE A 91 -3.42 23.16 -20.75
C ILE A 91 -4.91 23.19 -21.03
N SER A 92 -5.73 23.66 -20.11
CA SER A 92 -7.15 23.81 -20.37
C SER A 92 -7.46 25.02 -21.24
N THR A 93 -6.54 25.99 -21.33
CA THR A 93 -6.78 27.20 -22.11
C THR A 93 -6.54 26.99 -23.61
N GLY A 94 -5.76 25.98 -23.99
CA GLY A 94 -5.47 25.75 -25.39
C GLY A 94 -4.49 26.74 -25.98
N PHE A 95 -3.62 27.31 -25.15
CA PHE A 95 -2.70 28.35 -25.60
C PHE A 95 -1.71 27.80 -26.62
N CYS A 96 -1.20 28.69 -27.46
CA CYS A 96 -0.19 28.32 -28.43
C CYS A 96 1.14 28.02 -27.72
N ALA A 97 1.77 26.92 -28.11
CA ALA A 97 3.03 26.54 -27.50
C ALA A 97 3.75 25.56 -28.43
N ALA A 98 5.07 25.51 -28.28
CA ALA A 98 5.84 24.47 -28.95
C ALA A 98 5.34 23.10 -28.50
N CYS A 99 5.22 22.19 -29.45
CA CYS A 99 4.52 20.93 -29.17
C CYS A 99 5.25 20.09 -28.13
N HIS A 100 6.57 20.20 -28.05
CA HIS A 100 7.31 19.39 -27.08
C HIS A 100 7.17 19.94 -25.67
N GLY A 101 7.25 21.26 -25.50
CA GLY A 101 6.95 21.85 -24.21
C GLY A 101 5.50 21.64 -23.81
N CYS A 102 4.60 21.60 -24.79
CA CYS A 102 3.22 21.25 -24.51
C CYS A 102 3.08 19.79 -24.07
N LEU A 103 3.97 18.92 -24.56
CA LEU A 103 3.94 17.52 -24.12
C LEU A 103 4.35 17.39 -22.66
N PHE A 104 5.36 18.16 -22.24
CA PHE A 104 5.79 18.11 -20.85
C PHE A 104 4.68 18.60 -19.92
N ILE A 105 3.96 19.64 -20.33
CA ILE A 105 2.86 20.15 -19.52
C ILE A 105 1.78 19.09 -19.35
N ALA A 106 1.50 18.33 -20.41
CA ALA A 106 0.44 17.34 -20.35
C ALA A 106 0.89 16.06 -19.65
N CYS A 107 2.17 15.69 -19.76
CA CYS A 107 2.61 14.37 -19.33
C CYS A 107 3.27 14.36 -17.96
N PHE A 108 3.60 15.52 -17.38
CA PHE A 108 4.30 15.51 -16.11
C PHE A 108 3.45 14.90 -15.00
N VAL A 109 2.13 15.03 -15.09
CA VAL A 109 1.26 14.40 -14.09
C VAL A 109 1.35 12.88 -14.19
N LEU A 110 1.62 12.35 -15.39
CA LEU A 110 1.82 10.91 -15.52
C LEU A 110 3.09 10.46 -14.82
N VAL A 111 4.12 11.32 -14.79
CA VAL A 111 5.34 10.99 -14.05
C VAL A 111 5.04 10.89 -12.56
N LEU A 112 4.31 11.87 -12.02
CA LEU A 112 3.97 11.84 -10.60
C LEU A 112 3.06 10.67 -10.28
N THR A 113 2.08 10.40 -11.15
CA THR A 113 1.17 9.29 -10.90
C THR A 113 1.92 7.96 -10.94
N GLN A 114 2.86 7.81 -11.87
CA GLN A 114 3.62 6.56 -11.96
C GLN A 114 4.47 6.35 -10.71
N SER A 115 5.07 7.42 -10.20
CA SER A 115 5.85 7.32 -8.97
C SER A 115 5.00 6.82 -7.82
N LYS A 116 3.77 7.32 -7.70
CA LYS A 116 2.88 6.85 -6.64
C LYS A 116 2.57 5.36 -6.80
N ILE A 117 2.44 4.89 -8.04
CA ILE A 117 2.21 3.48 -8.30
C ILE A 117 3.36 2.64 -7.77
N PHE A 118 4.60 3.06 -8.05
CA PHE A 118 5.76 2.33 -7.55
C PHE A 118 5.81 2.34 -6.03
N SER A 119 5.50 3.47 -5.41
CA SER A 119 5.53 3.54 -3.96
C SER A 119 4.48 2.64 -3.34
N LEU A 120 3.28 2.61 -3.92
CA LEU A 120 2.22 1.77 -3.37
C LEU A 120 2.54 0.29 -3.54
N LEU A 121 3.15 -0.09 -4.67
CA LEU A 121 3.54 -1.48 -4.86
C LEU A 121 4.68 -1.88 -3.92
N ALA A 122 5.58 -0.95 -3.62
CA ALA A 122 6.67 -1.25 -2.71
C ALA A 122 6.17 -1.41 -1.27
N ILE A 123 5.19 -0.59 -0.88
CA ILE A 123 4.64 -0.69 0.48
C ILE A 123 3.98 -2.05 0.69
N ALA A 124 3.21 -2.51 -0.31
CA ALA A 124 2.57 -3.81 -0.20
C ALA A 124 3.61 -4.94 -0.16
N ILE A 125 4.65 -4.82 -0.99
CA ILE A 125 5.71 -5.82 -0.96
C ILE A 125 6.45 -5.78 0.37
N ASP A 126 6.71 -4.57 0.89
CA ASP A 126 7.34 -4.45 2.19
C ASP A 126 6.52 -5.14 3.28
N ARG A 127 5.20 -4.91 3.28
CA ARG A 127 4.36 -5.52 4.30
C ARG A 127 4.24 -7.02 4.12
N TYR A 128 4.28 -7.52 2.88
CA TYR A 128 4.28 -8.96 2.67
C TYR A 128 5.55 -9.59 3.22
N ILE A 129 6.68 -8.89 3.12
CA ILE A 129 7.93 -9.41 3.67
C ILE A 129 7.89 -9.39 5.19
N ALA A 130 7.26 -8.36 5.76
CA ALA A 130 7.18 -8.25 7.22
C ALA A 130 6.30 -9.33 7.84
N ILE A 131 5.37 -9.92 7.08
CA ILE A 131 4.48 -10.94 7.62
C ILE A 131 4.82 -12.35 7.16
N ARG A 132 5.50 -12.51 6.02
CA ARG A 132 5.92 -13.82 5.51
C ARG A 132 7.21 -14.27 6.14
N ILE A 133 8.16 -13.36 6.37
CA ILE A 133 9.45 -13.69 6.94
C ILE A 133 9.86 -12.61 7.94
N PRO A 134 9.11 -12.44 9.05
CA PRO A 134 9.43 -11.35 9.98
C PRO A 134 10.81 -11.46 10.61
N LEU A 135 11.37 -12.67 10.72
CA LEU A 135 12.68 -12.83 11.33
C LEU A 135 13.78 -12.29 10.44
N ARG A 136 13.58 -12.31 9.12
CA ARG A 136 14.57 -11.86 8.16
C ARG A 136 14.26 -10.48 7.57
N TYR A 137 13.24 -9.80 8.10
CA TYR A 137 12.82 -8.53 7.50
C TYR A 137 13.89 -7.45 7.69
N ASN A 138 14.37 -7.28 8.92
CA ASN A 138 15.30 -6.19 9.20
C ASN A 138 16.62 -6.35 8.44
N GLY A 139 17.05 -7.60 8.21
CA GLY A 139 18.25 -7.80 7.43
C GLY A 139 18.04 -7.63 5.94
N LEU A 140 16.85 -7.92 5.45
CA LEU A 140 16.55 -7.85 4.02
C LEU A 140 16.12 -6.46 3.58
N VAL A 141 15.21 -5.84 4.33
CA VAL A 141 14.60 -4.56 3.96
C VAL A 141 15.23 -3.49 4.85
N THR A 142 16.21 -2.77 4.32
CA THR A 142 16.91 -1.73 5.07
C THR A 142 16.63 -0.36 4.45
N GLY A 143 16.95 0.68 5.22
CA GLY A 143 16.71 2.03 4.75
C GLY A 143 17.59 2.41 3.58
N THR A 144 18.82 1.91 3.55
CA THR A 144 19.72 2.20 2.43
C THR A 144 19.18 1.59 1.14
N ARG A 145 18.68 0.35 1.20
CA ARG A 145 18.11 -0.26 0.01
C ARG A 145 16.80 0.41 -0.39
N ALA A 146 16.02 0.88 0.58
CA ALA A 146 14.76 1.54 0.27
C ALA A 146 14.99 2.83 -0.52
N LYS A 147 15.94 3.66 -0.06
CA LYS A 147 16.23 4.91 -0.76
C LYS A 147 16.72 4.65 -2.17
N GLY A 148 17.47 3.56 -2.37
CA GLY A 148 17.88 3.20 -3.72
C GLY A 148 16.69 2.81 -4.58
N ILE A 149 15.77 2.03 -4.02
CA ILE A 149 14.56 1.67 -4.75
C ILE A 149 13.77 2.92 -5.14
N ILE A 150 13.64 3.85 -4.20
CA ILE A 150 12.86 5.07 -4.47
C ILE A 150 13.54 5.90 -5.55
N ALA A 151 14.87 6.03 -5.49
CA ALA A 151 15.60 6.79 -6.50
C ALA A 151 15.45 6.16 -7.88
N ILE A 152 15.52 4.83 -7.95
CA ILE A 152 15.37 4.14 -9.24
C ILE A 152 13.96 4.33 -9.78
N CYS A 153 12.95 4.21 -8.91
CA CYS A 153 11.57 4.29 -9.36
C CYS A 153 11.21 5.70 -9.83
N TRP A 154 11.87 6.73 -9.30
CA TRP A 154 11.63 8.08 -9.79
C TRP A 154 12.19 8.25 -11.20
N VAL A 155 13.38 7.69 -11.46
CA VAL A 155 13.95 7.75 -12.81
C VAL A 155 13.08 6.99 -13.79
N LEU A 156 12.54 5.84 -13.38
CA LEU A 156 11.64 5.09 -14.24
C LEU A 156 10.33 5.83 -14.47
N SER A 157 9.83 6.55 -13.47
CA SER A 157 8.58 7.27 -13.63
C SER A 157 8.71 8.40 -14.63
N PHE A 158 9.87 9.06 -14.67
CA PHE A 158 10.09 10.10 -15.68
C PHE A 158 10.13 9.49 -17.08
N ALA A 159 10.84 8.37 -17.23
CA ALA A 159 10.95 7.73 -18.53
C ALA A 159 9.61 7.21 -19.01
N ILE A 160 8.76 6.75 -18.09
CA ILE A 160 7.44 6.24 -18.48
C ILE A 160 6.51 7.39 -18.81
N GLY A 161 6.42 8.38 -17.92
CA GLY A 161 5.46 9.45 -18.09
C GLY A 161 5.78 10.37 -19.26
N LEU A 162 7.06 10.54 -19.57
CA LEU A 162 7.50 11.42 -20.65
C LEU A 162 7.85 10.67 -21.92
N THR A 163 7.45 9.41 -22.03
CA THR A 163 7.65 8.66 -23.29
C THR A 163 7.06 9.36 -24.51
N PRO A 164 5.90 10.03 -24.45
CA PRO A 164 5.44 10.78 -25.64
C PRO A 164 6.45 11.79 -26.14
N MET A 165 7.28 12.35 -25.26
CA MET A 165 8.31 13.29 -25.70
C MET A 165 9.40 12.59 -26.51
N LEU A 166 9.58 11.29 -26.34
CA LEU A 166 10.58 10.54 -27.09
C LEU A 166 10.15 10.25 -28.53
N GLY A 167 8.94 10.64 -28.92
CA GLY A 167 8.52 10.48 -30.30
C GLY A 167 7.14 9.89 -30.47
N TRP A 168 6.55 9.38 -29.40
CA TRP A 168 5.23 8.77 -29.45
C TRP A 168 4.18 9.86 -29.14
N ASN A 169 4.03 10.78 -30.08
CA ASN A 169 3.14 11.92 -29.92
C ASN A 169 2.47 12.23 -31.24
N ASN A 170 1.54 13.19 -31.22
CA ASN A 170 0.84 13.65 -32.40
C ASN A 170 1.35 15.00 -32.89
N CYS A 171 2.60 15.34 -32.57
CA CYS A 171 3.17 16.59 -33.05
C CYS A 171 3.39 16.57 -34.55
N GLY A 172 3.60 15.38 -35.12
CA GLY A 172 3.74 15.26 -36.56
C GLY A 172 2.45 15.39 -37.33
N GLN A 173 1.31 15.37 -36.64
CA GLN A 173 -0.01 15.51 -37.27
C GLN A 173 -0.80 16.59 -36.53
N PRO A 174 -0.39 17.85 -36.65
CA PRO A 174 -1.07 18.91 -35.91
C PRO A 174 -2.41 19.26 -36.50
N LYS A 175 -3.30 19.78 -35.65
CA LYS A 175 -4.61 20.26 -36.07
C LYS A 175 -4.42 21.63 -36.70
N GLU A 176 -4.27 21.65 -38.03
CA GLU A 176 -3.98 22.90 -38.73
C GLU A 176 -5.15 23.88 -38.62
N GLY A 177 -6.37 23.38 -38.51
CA GLY A 177 -7.51 24.27 -38.32
C GLY A 177 -7.49 24.97 -36.98
N LYS A 178 -7.16 24.24 -35.91
CA LYS A 178 -7.10 24.85 -34.59
C LYS A 178 -5.90 25.77 -34.46
N ASN A 179 -4.78 25.41 -35.08
CA ASN A 179 -3.57 26.22 -34.96
C ASN A 179 -3.69 27.53 -35.74
N HIS A 180 -4.44 27.53 -36.85
CA HIS A 180 -4.65 28.75 -37.61
C HIS A 180 -5.75 29.62 -37.01
N SER A 181 -6.78 29.00 -36.43
CA SER A 181 -7.86 29.77 -35.82
C SER A 181 -7.36 30.56 -34.62
N GLN A 182 -6.53 29.94 -33.78
CA GLN A 182 -5.92 30.63 -32.65
C GLN A 182 -4.66 31.39 -33.03
N GLY A 183 -4.22 31.28 -34.29
CA GLY A 183 -3.10 32.06 -34.77
C GLY A 183 -1.78 31.70 -34.13
N CYS A 184 -1.49 30.40 -34.05
CA CYS A 184 -0.22 29.98 -33.47
C CYS A 184 0.91 30.15 -34.49
N GLY A 185 2.13 30.28 -33.96
CA GLY A 185 3.30 30.47 -34.79
C GLY A 185 3.83 29.19 -35.37
N GLU A 186 4.86 29.33 -36.20
CA GLU A 186 5.47 28.18 -36.84
C GLU A 186 6.09 27.26 -35.79
N GLY A 187 5.80 25.96 -35.90
CA GLY A 187 6.24 24.99 -34.92
C GLY A 187 5.37 24.92 -33.68
N GLN A 188 4.40 25.81 -33.53
CA GLN A 188 3.50 25.81 -32.40
C GLN A 188 2.19 25.10 -32.73
N VAL A 189 1.53 24.61 -31.69
CA VAL A 189 0.24 23.96 -31.80
C VAL A 189 -0.65 24.46 -30.67
N ALA A 190 -1.94 24.16 -30.76
CA ALA A 190 -2.91 24.45 -29.71
C ALA A 190 -2.77 23.37 -28.64
N CYS A 191 -2.26 23.76 -27.47
CA CYS A 191 -1.89 22.79 -26.44
C CYS A 191 -3.13 22.15 -25.85
N LEU A 192 -3.48 20.95 -26.33
CA LEU A 192 -4.62 20.19 -25.85
C LEU A 192 -4.16 18.75 -25.63
N PHE A 193 -4.57 18.18 -24.49
CA PHE A 193 -4.13 16.84 -24.13
C PHE A 193 -4.41 15.85 -25.26
N GLU A 194 -5.63 15.85 -25.79
CA GLU A 194 -6.01 14.89 -26.81
C GLU A 194 -5.53 15.28 -28.21
N ASP A 195 -4.91 16.45 -28.37
CA ASP A 195 -4.34 16.86 -29.64
C ASP A 195 -2.85 16.52 -29.77
N VAL A 196 -2.16 16.21 -28.68
CA VAL A 196 -0.72 15.98 -28.74
C VAL A 196 -0.36 14.62 -28.16
N VAL A 197 -1.11 14.17 -27.15
CA VAL A 197 -0.87 12.88 -26.51
C VAL A 197 -1.70 11.84 -27.24
N PRO A 198 -1.09 10.82 -27.85
CA PRO A 198 -1.88 9.80 -28.56
C PRO A 198 -2.69 8.97 -27.58
N MET A 199 -3.91 8.63 -27.99
CA MET A 199 -4.79 7.89 -27.09
C MET A 199 -4.40 6.43 -26.99
N ASN A 200 -3.68 5.88 -27.97
CA ASN A 200 -3.20 4.51 -27.84
C ASN A 200 -2.09 4.40 -26.80
N TYR A 201 -1.29 5.45 -26.64
CA TYR A 201 -0.34 5.48 -25.53
C TYR A 201 -1.07 5.52 -24.19
N MET A 202 -2.13 6.32 -24.10
CA MET A 202 -2.83 6.50 -22.82
C MET A 202 -3.54 5.22 -22.40
N VAL A 203 -4.06 4.46 -23.36
CA VAL A 203 -4.85 3.27 -23.06
C VAL A 203 -3.94 2.05 -22.93
N TYR A 204 -3.17 1.76 -23.97
CA TYR A 204 -2.35 0.55 -23.96
C TYR A 204 -1.15 0.68 -23.05
N PHE A 205 -0.39 1.77 -23.18
CA PHE A 205 0.87 1.88 -22.46
C PHE A 205 0.66 2.38 -21.04
N ASN A 206 -0.06 3.50 -20.88
CA ASN A 206 -0.18 4.10 -19.55
C ASN A 206 -1.19 3.35 -18.69
N PHE A 207 -2.43 3.20 -19.16
CA PHE A 207 -3.46 2.60 -18.34
C PHE A 207 -3.25 1.10 -18.17
N PHE A 208 -3.23 0.36 -19.29
CA PHE A 208 -3.16 -1.10 -19.21
C PHE A 208 -1.86 -1.56 -18.57
N ALA A 209 -0.72 -1.17 -19.14
CA ALA A 209 0.56 -1.71 -18.72
C ALA A 209 1.06 -1.08 -17.43
N CYS A 210 1.02 0.25 -17.34
CA CYS A 210 1.72 0.95 -16.26
C CYS A 210 0.84 1.25 -15.05
N VAL A 211 -0.48 1.16 -15.18
CA VAL A 211 -1.40 1.45 -14.09
C VAL A 211 -2.23 0.23 -13.71
N LEU A 212 -2.90 -0.38 -14.69
CA LEU A 212 -3.82 -1.47 -14.38
C LEU A 212 -3.09 -2.70 -13.88
N VAL A 213 -2.03 -3.11 -14.59
CA VAL A 213 -1.28 -4.30 -14.17
C VAL A 213 -0.64 -4.12 -12.79
N PRO A 214 0.02 -3.00 -12.46
CA PRO A 214 0.52 -2.85 -11.09
C PRO A 214 -0.58 -2.84 -10.03
N LEU A 215 -1.76 -2.31 -10.34
CA LEU A 215 -2.85 -2.34 -9.37
C LEU A 215 -3.32 -3.77 -9.11
N LEU A 216 -3.45 -4.57 -10.17
CA LEU A 216 -3.82 -5.97 -10.00
C LEU A 216 -2.75 -6.73 -9.23
N LEU A 217 -1.48 -6.32 -9.35
CA LEU A 217 -0.41 -6.95 -8.59
C LEU A 217 -0.54 -6.63 -7.11
N MET A 218 -0.83 -5.36 -6.76
CA MET A 218 -1.02 -5.01 -5.36
C MET A 218 -2.21 -5.74 -4.77
N LEU A 219 -3.26 -5.92 -5.57
CA LEU A 219 -4.40 -6.74 -5.12
C LEU A 219 -3.95 -8.16 -4.78
N GLY A 220 -3.04 -8.71 -5.59
CA GLY A 220 -2.54 -10.05 -5.31
C GLY A 220 -1.64 -10.11 -4.10
N VAL A 221 -0.83 -9.07 -3.90
CA VAL A 221 0.06 -9.04 -2.75
C VAL A 221 -0.75 -8.94 -1.46
N TYR A 222 -1.74 -8.06 -1.43
CA TYR A 222 -2.53 -7.88 -0.21
C TYR A 222 -3.37 -9.13 0.09
N LEU A 223 -3.86 -9.80 -0.94
CA LEU A 223 -4.58 -11.06 -0.72
C LEU A 223 -3.65 -12.10 -0.10
N ARG A 224 -2.38 -12.12 -0.52
CA ARG A 224 -1.43 -13.02 0.08
C ARG A 224 -1.08 -12.60 1.50
N ILE A 225 -1.10 -11.29 1.78
CA ILE A 225 -0.83 -10.82 3.14
C ILE A 225 -1.93 -11.29 4.09
N PHE A 226 -3.19 -11.09 3.71
CA PHE A 226 -4.30 -11.51 4.55
C PHE A 226 -4.36 -13.04 4.65
N LEU A 227 -4.01 -13.74 3.58
CA LEU A 227 -3.95 -15.20 3.65
C LEU A 227 -2.85 -15.65 4.60
N ALA A 228 -1.68 -15.01 4.55
CA ALA A 228 -0.61 -15.38 5.46
C ALA A 228 -0.99 -15.10 6.90
N ALA A 229 -1.72 -14.01 7.13
CA ALA A 229 -2.16 -13.69 8.50
C ALA A 229 -3.21 -14.68 8.98
N ARG A 230 -4.19 -14.99 8.13
CA ARG A 230 -5.23 -15.94 8.53
C ARG A 230 -4.64 -17.33 8.79
N ARG A 231 -3.64 -17.72 8.00
CA ARG A 231 -3.03 -19.04 8.18
C ARG A 231 -2.22 -19.10 9.46
N GLN A 232 -1.49 -18.02 9.78
CA GLN A 232 -0.67 -18.02 10.99
C GLN A 232 -1.54 -17.93 12.24
N LEU A 233 -2.65 -17.18 12.18
CA LEU A 233 -3.58 -17.14 13.31
C LEU A 233 -4.20 -18.50 13.56
N ALA A 234 -4.51 -19.24 12.49
CA ALA A 234 -5.05 -20.59 12.65
C ALA A 234 -4.02 -21.54 13.24
N ASP A 235 -2.74 -21.37 12.87
CA ASP A 235 -1.70 -22.26 13.40
C ASP A 235 -1.50 -22.06 14.89
N LEU A 236 -1.56 -20.81 15.37
CA LEU A 236 -1.41 -20.56 16.80
C LEU A 236 -2.54 -21.21 17.59
N GLU A 237 -3.77 -21.14 17.08
CA GLU A 237 -4.89 -21.77 17.77
C GLU A 237 -4.80 -23.29 17.70
N ASP A 238 -4.31 -23.83 16.59
CA ASP A 238 -4.14 -25.27 16.49
C ASP A 238 -3.11 -25.79 17.49
N ASN A 239 -1.95 -25.12 17.58
CA ASN A 239 -0.95 -25.50 18.56
C ASN A 239 -1.46 -25.28 19.97
N TRP A 240 -2.27 -24.24 20.19
CA TRP A 240 -2.79 -23.96 21.53
C TRP A 240 -3.83 -24.99 21.94
N GLU A 241 -4.73 -25.37 21.02
CA GLU A 241 -5.71 -26.40 21.33
C GLU A 241 -5.06 -27.78 21.43
N THR A 242 -4.01 -28.04 20.64
CA THR A 242 -3.29 -29.29 20.76
C THR A 242 -2.68 -29.46 22.14
N LEU A 243 -2.25 -28.35 22.74
CA LEU A 243 -1.67 -28.42 24.09
C LEU A 243 -2.74 -28.77 25.13
N ASN A 244 -3.95 -28.24 24.98
CA ASN A 244 -4.96 -28.43 26.02
C ASN A 244 -5.72 -29.74 25.82
N ASP A 245 -5.98 -30.13 24.57
CA ASP A 245 -6.69 -31.38 24.32
C ASP A 245 -5.83 -32.59 24.68
N ASN A 246 -4.53 -32.52 24.39
CA ASN A 246 -3.65 -33.62 24.75
C ASN A 246 -3.41 -33.72 26.25
N LEU A 247 -3.69 -32.65 27.00
CA LEU A 247 -3.66 -32.74 28.46
C LEU A 247 -4.80 -33.62 28.97
N LYS A 248 -5.98 -33.50 28.35
CA LYS A 248 -7.09 -34.35 28.75
C LYS A 248 -6.83 -35.81 28.42
N VAL A 249 -6.11 -36.09 27.33
CA VAL A 249 -5.78 -37.46 26.98
C VAL A 249 -4.90 -38.10 28.04
N ILE A 250 -4.04 -37.30 28.69
CA ILE A 250 -3.14 -37.85 29.70
C ILE A 250 -3.88 -38.11 31.01
N GLU A 251 -4.79 -37.20 31.40
CA GLU A 251 -5.47 -37.36 32.68
C GLU A 251 -6.44 -38.54 32.66
N LYS A 252 -6.96 -38.90 31.48
CA LYS A 252 -7.91 -40.00 31.36
C LYS A 252 -7.29 -41.24 30.74
N ALA A 253 -5.96 -41.31 30.69
CA ALA A 253 -5.30 -42.46 30.09
C ALA A 253 -5.21 -43.62 31.08
N ASP A 254 -4.94 -44.79 30.54
CA ASP A 254 -4.81 -46.03 31.31
C ASP A 254 -3.54 -46.79 30.99
N ASN A 255 -3.14 -46.85 29.73
CA ASN A 255 -1.92 -47.51 29.33
C ASN A 255 -0.77 -46.50 29.24
N ALA A 256 0.45 -47.01 29.46
CA ALA A 256 1.62 -46.13 29.39
C ALA A 256 1.82 -45.56 28.00
N ALA A 257 1.42 -46.30 26.96
CA ALA A 257 1.54 -45.80 25.60
C ALA A 257 0.55 -44.65 25.33
N GLN A 258 -0.59 -44.65 26.01
CA GLN A 258 -1.54 -43.56 25.84
C GLN A 258 -0.98 -42.24 26.37
N VAL A 259 -0.16 -42.31 27.42
CA VAL A 259 0.52 -41.11 27.90
C VAL A 259 1.73 -40.79 27.03
N LYS A 260 2.39 -41.81 26.49
CA LYS A 260 3.56 -41.58 25.65
C LYS A 260 3.17 -40.92 24.33
N ASP A 261 2.13 -41.44 23.68
CA ASP A 261 1.71 -40.88 22.39
C ASP A 261 1.14 -39.48 22.54
N ALA A 262 0.44 -39.23 23.66
CA ALA A 262 -0.10 -37.89 23.89
C ALA A 262 1.02 -36.89 24.17
N LEU A 263 2.06 -37.31 24.89
CA LEU A 263 3.18 -36.42 25.18
C LEU A 263 4.04 -36.20 23.93
N THR A 264 4.12 -37.19 23.05
CA THR A 264 4.91 -37.02 21.83
C THR A 264 4.29 -35.95 20.93
N LYS A 265 2.96 -35.91 20.85
CA LYS A 265 2.27 -34.91 20.06
C LYS A 265 2.22 -33.55 20.73
N MET A 266 2.59 -33.46 22.02
CA MET A 266 2.73 -32.18 22.68
C MET A 266 4.12 -31.59 22.50
N ARG A 267 5.16 -32.43 22.59
CA ARG A 267 6.53 -31.96 22.43
C ARG A 267 6.74 -31.35 21.04
N ALA A 268 6.12 -31.95 20.02
CA ALA A 268 6.18 -31.35 18.69
C ALA A 268 5.41 -30.04 18.63
N ALA A 269 4.21 -30.03 19.21
CA ALA A 269 3.42 -28.79 19.24
C ALA A 269 4.09 -27.72 20.09
N ALA A 270 4.91 -28.14 21.06
CA ALA A 270 5.64 -27.17 21.88
C ALA A 270 6.78 -26.54 21.09
N LEU A 271 7.60 -27.38 20.43
CA LEU A 271 8.73 -26.86 19.66
C LEU A 271 8.25 -26.11 18.43
N ASP A 272 7.18 -26.59 17.78
CA ASP A 272 6.68 -25.95 16.58
C ASP A 272 6.00 -24.61 16.88
N ALA A 273 5.74 -24.30 18.14
CA ALA A 273 5.17 -23.02 18.52
C ALA A 273 6.24 -21.95 18.74
N GLN A 274 7.39 -22.33 19.30
CA GLN A 274 8.47 -21.37 19.53
C GLN A 274 9.26 -21.07 18.26
N LYS A 275 9.30 -22.00 17.32
CA LYS A 275 10.04 -21.81 16.08
C LYS A 275 9.20 -21.06 15.05
N GLU A 290 12.98 -9.00 27.30
CA GLU A 290 11.91 -9.85 27.79
C GLU A 290 11.65 -11.02 26.84
N MET A 291 12.47 -11.10 25.79
CA MET A 291 12.36 -12.21 24.84
C MET A 291 12.88 -13.50 25.43
N LYS A 292 13.75 -13.44 26.43
CA LYS A 292 14.25 -14.63 27.10
C LYS A 292 13.21 -15.28 28.00
N ASP A 293 12.26 -14.50 28.51
CA ASP A 293 11.17 -15.09 29.30
C ASP A 293 10.28 -15.97 28.45
N PHE A 294 10.09 -15.62 27.17
CA PHE A 294 9.32 -16.49 26.28
C PHE A 294 10.11 -17.73 25.90
N ARG A 295 11.44 -17.61 25.81
CA ARG A 295 12.29 -18.78 25.59
C ARG A 295 12.41 -19.62 26.85
N HIS A 296 12.50 -18.97 28.02
CA HIS A 296 12.53 -19.69 29.28
C HIS A 296 11.22 -20.42 29.55
N GLY A 297 10.11 -19.90 29.01
CA GLY A 297 8.83 -20.56 29.20
C GLY A 297 8.74 -21.88 28.46
N PHE A 298 9.22 -21.91 27.21
CA PHE A 298 9.22 -23.17 26.46
C PHE A 298 10.23 -24.17 27.02
N ASP A 299 11.32 -23.68 27.61
CA ASP A 299 12.29 -24.57 28.22
C ASP A 299 11.67 -25.34 29.38
N ILE A 300 10.92 -24.65 30.23
CA ILE A 300 10.21 -25.32 31.32
C ILE A 300 9.14 -26.25 30.74
N LEU A 301 8.44 -25.80 29.70
CA LEU A 301 7.38 -26.60 29.10
C LEU A 301 7.93 -27.89 28.51
N VAL A 302 8.90 -27.78 27.59
CA VAL A 302 9.48 -28.96 26.97
C VAL A 302 10.27 -29.76 28.00
N GLY A 303 10.90 -29.10 28.96
CA GLY A 303 11.61 -29.82 30.00
C GLY A 303 10.67 -30.65 30.87
N GLN A 304 9.46 -30.16 31.10
CA GLN A 304 8.47 -30.95 31.83
C GLN A 304 7.91 -32.07 30.98
N ILE A 305 7.79 -31.86 29.67
CA ILE A 305 7.31 -32.91 28.78
C ILE A 305 8.31 -34.07 28.74
N ASP A 306 9.61 -33.76 28.69
CA ASP A 306 10.63 -34.79 28.72
C ASP A 306 10.63 -35.54 30.06
N ASP A 307 10.32 -34.86 31.16
CA ASP A 307 10.25 -35.53 32.45
C ASP A 307 9.12 -36.57 32.47
N ALA A 308 7.93 -36.17 32.04
CA ALA A 308 6.81 -37.11 31.99
C ALA A 308 7.01 -38.18 30.92
N LEU A 309 7.71 -37.85 29.83
CA LEU A 309 8.02 -38.86 28.81
C LEU A 309 8.95 -39.93 29.37
N LYS A 310 9.92 -39.53 30.21
CA LYS A 310 10.80 -40.52 30.83
C LYS A 310 10.02 -41.42 31.77
N LEU A 311 9.06 -40.86 32.51
CA LEU A 311 8.24 -41.67 33.41
C LEU A 311 7.26 -42.54 32.64
N ALA A 312 6.75 -42.05 31.50
CA ALA A 312 5.81 -42.85 30.71
C ALA A 312 6.51 -44.02 30.05
N ASN A 313 7.76 -43.83 29.60
CA ASN A 313 8.51 -44.92 29.00
C ASN A 313 8.86 -45.99 30.01
N GLU A 314 9.07 -45.61 31.28
CA GLU A 314 9.34 -46.58 32.32
C GLU A 314 8.11 -47.38 32.73
N GLY A 315 6.93 -46.99 32.26
CA GLY A 315 5.68 -47.63 32.65
C GLY A 315 4.94 -46.93 33.76
N LYS A 316 5.55 -45.90 34.37
CA LYS A 316 4.92 -45.17 35.46
C LYS A 316 3.79 -44.31 34.90
N VAL A 317 2.56 -44.80 35.04
CA VAL A 317 1.41 -44.07 34.51
C VAL A 317 1.00 -42.96 35.47
N LYS A 318 0.83 -43.29 36.75
CA LYS A 318 0.41 -42.29 37.73
C LYS A 318 1.46 -41.21 37.91
N GLU A 319 2.74 -41.60 37.97
CA GLU A 319 3.81 -40.62 38.10
C GLU A 319 3.98 -39.77 36.86
N ALA A 320 3.58 -40.26 35.68
CA ALA A 320 3.61 -39.44 34.48
C ALA A 320 2.38 -38.55 34.38
N GLN A 321 1.22 -39.05 34.82
CA GLN A 321 0.02 -38.22 34.84
C GLN A 321 0.20 -37.02 35.76
N ALA A 322 0.84 -37.23 36.91
CA ALA A 322 1.07 -36.12 37.82
C ALA A 322 2.12 -35.16 37.29
N ALA A 323 3.15 -35.70 36.62
CA ALA A 323 4.18 -34.85 36.03
C ALA A 323 3.60 -33.99 34.91
N ALA A 324 2.67 -34.54 34.13
CA ALA A 324 2.05 -33.79 33.05
C ALA A 324 1.07 -32.74 33.56
N GLU A 325 0.63 -32.86 34.82
CA GLU A 325 -0.25 -31.85 35.41
C GLU A 325 0.48 -30.56 35.72
N GLN A 326 1.80 -30.62 35.93
CA GLN A 326 2.58 -29.40 36.14
C GLN A 326 2.64 -28.53 34.90
N LEU A 327 2.25 -29.07 33.73
CA LEU A 327 2.24 -28.27 32.51
C LEU A 327 1.17 -27.20 32.55
N LYS A 328 0.12 -27.39 33.34
CA LYS A 328 -0.96 -26.40 33.42
C LYS A 328 -0.45 -25.08 33.98
N THR A 329 0.39 -25.13 35.02
CA THR A 329 0.94 -23.91 35.58
C THR A 329 1.85 -23.20 34.59
N THR A 330 2.69 -23.96 33.87
CA THR A 330 3.55 -23.36 32.87
C THR A 330 2.75 -22.80 31.71
N ARG A 331 1.64 -23.45 31.36
CA ARG A 331 0.78 -22.95 30.28
C ARG A 331 0.18 -21.59 30.64
N ASN A 332 -0.22 -21.41 31.90
CA ASN A 332 -0.85 -20.16 32.30
C ASN A 332 0.16 -19.02 32.37
N ALA A 333 1.26 -19.24 33.08
CA ALA A 333 2.21 -18.17 33.39
C ALA A 333 3.21 -17.91 32.28
N TYR A 334 3.18 -18.66 31.18
CA TYR A 334 4.16 -18.47 30.11
C TYR A 334 3.53 -18.64 28.73
N ILE A 335 2.96 -19.81 28.46
CA ILE A 335 2.49 -20.11 27.12
C ILE A 335 1.29 -19.24 26.75
N GLN A 336 0.41 -18.98 27.71
CA GLN A 336 -0.77 -18.17 27.41
C GLN A 336 -0.39 -16.72 27.08
N LYS A 337 0.72 -16.23 27.64
CA LYS A 337 1.15 -14.88 27.31
C LYS A 337 1.67 -14.80 25.88
N TYR A 338 2.37 -15.83 25.40
CA TYR A 338 2.86 -15.83 24.04
C TYR A 338 1.72 -15.99 23.04
N LEU A 339 0.69 -16.76 23.41
CA LEU A 339 -0.43 -16.99 22.49
C LEU A 339 -1.11 -15.68 22.12
N GLU A 340 -1.20 -14.75 23.07
CA GLU A 340 -1.96 -13.52 22.88
C GLU A 340 -1.09 -12.32 22.53
N ARG A 341 0.22 -12.40 22.72
CA ARG A 341 1.09 -11.35 22.19
C ARG A 341 1.37 -11.56 20.71
N ALA A 342 1.60 -12.82 20.32
CA ALA A 342 1.75 -13.13 18.90
C ALA A 342 0.44 -12.93 18.14
N ARG A 343 -0.70 -13.18 18.81
CA ARG A 343 -1.98 -12.91 18.19
C ARG A 343 -2.24 -11.42 18.06
N SER A 344 -1.81 -10.64 19.06
CA SER A 344 -2.01 -9.20 19.02
C SER A 344 -1.16 -8.56 17.93
N THR A 345 0.06 -9.05 17.75
CA THR A 345 0.93 -8.51 16.70
C THR A 345 0.37 -8.82 15.32
N LEU A 346 -0.10 -10.05 15.11
CA LEU A 346 -0.67 -10.41 13.81
C LEU A 346 -1.92 -9.60 13.50
N GLN A 347 -2.74 -9.33 14.52
CA GLN A 347 -3.93 -8.51 14.31
C GLN A 347 -3.58 -7.07 13.98
N LYS A 348 -2.47 -6.56 14.52
CA LYS A 348 -2.01 -5.23 14.14
C LYS A 348 -1.54 -5.19 12.69
N GLU A 349 -0.94 -6.28 12.20
CA GLU A 349 -0.52 -6.32 10.81
C GLU A 349 -1.72 -6.40 9.87
N VAL A 350 -2.79 -7.07 10.28
CA VAL A 350 -4.00 -7.11 9.48
C VAL A 350 -4.64 -5.73 9.41
N HIS A 351 -4.75 -5.07 10.57
CA HIS A 351 -5.35 -3.73 10.62
C HIS A 351 -4.53 -2.73 9.82
N ALA A 352 -3.21 -2.81 9.92
CA ALA A 352 -2.35 -1.88 9.18
C ALA A 352 -2.41 -2.15 7.68
N ALA A 353 -2.43 -3.42 7.28
CA ALA A 353 -2.52 -3.73 5.86
C ALA A 353 -3.84 -3.31 5.26
N LYS A 354 -4.92 -3.38 6.05
CA LYS A 354 -6.21 -2.89 5.57
C LYS A 354 -6.18 -1.39 5.35
N SER A 355 -5.52 -0.65 6.25
CA SER A 355 -5.41 0.79 6.06
C SER A 355 -4.65 1.14 4.78
N LEU A 356 -3.57 0.40 4.51
CA LEU A 356 -2.80 0.62 3.29
C LEU A 356 -3.55 0.15 2.05
N ALA A 357 -4.44 -0.84 2.21
CA ALA A 357 -5.25 -1.28 1.08
C ALA A 357 -6.30 -0.24 0.71
N ILE A 358 -6.73 0.57 1.68
CA ILE A 358 -7.69 1.64 1.38
C ILE A 358 -7.05 2.69 0.49
N ILE A 359 -5.77 3.01 0.74
CA ILE A 359 -5.09 4.01 -0.07
C ILE A 359 -4.99 3.56 -1.52
N VAL A 360 -4.74 2.26 -1.72
CA VAL A 360 -4.76 1.72 -3.09
C VAL A 360 -6.16 1.79 -3.67
N GLY A 361 -7.17 1.48 -2.87
CA GLY A 361 -8.54 1.54 -3.36
C GLY A 361 -8.98 2.94 -3.71
N LEU A 362 -8.64 3.91 -2.87
CA LEU A 362 -8.98 5.30 -3.18
C LEU A 362 -8.21 5.82 -4.38
N PHE A 363 -6.97 5.35 -4.57
CA PHE A 363 -6.24 5.67 -5.79
C PHE A 363 -7.00 5.20 -7.02
N ALA A 364 -7.45 3.94 -7.00
CA ALA A 364 -8.22 3.40 -8.12
C ALA A 364 -9.53 4.16 -8.30
N LEU A 365 -10.20 4.50 -7.20
CA LEU A 365 -11.47 5.21 -7.31
C LEU A 365 -11.29 6.60 -7.91
N CYS A 366 -10.16 7.25 -7.65
CA CYS A 366 -9.93 8.61 -8.14
C CYS A 366 -9.43 8.65 -9.57
N TRP A 367 -8.75 7.61 -10.04
CA TRP A 367 -8.14 7.63 -11.36
C TRP A 367 -8.83 6.77 -12.39
N LEU A 368 -9.58 5.74 -11.99
CA LEU A 368 -10.24 4.89 -12.96
C LEU A 368 -11.23 5.63 -13.87
N PRO A 369 -12.05 6.57 -13.39
CA PRO A 369 -12.97 7.25 -14.32
C PRO A 369 -12.27 7.91 -15.50
N LEU A 370 -11.16 8.60 -15.23
CA LEU A 370 -10.43 9.25 -16.32
C LEU A 370 -9.85 8.24 -17.30
N HIS A 371 -9.35 7.10 -16.78
CA HIS A 371 -8.87 6.05 -17.66
C HIS A 371 -10.00 5.40 -18.44
N ILE A 372 -11.16 5.19 -17.79
CA ILE A 372 -12.28 4.55 -18.46
C ILE A 372 -12.82 5.43 -19.57
N ILE A 373 -12.84 6.75 -19.36
CA ILE A 373 -13.29 7.66 -20.40
C ILE A 373 -12.34 7.64 -21.59
N ASN A 374 -11.04 7.56 -21.33
CA ASN A 374 -10.07 7.44 -22.42
C ASN A 374 -10.31 6.16 -23.22
N CYS A 375 -10.70 5.07 -22.55
CA CYS A 375 -11.00 3.84 -23.26
C CYS A 375 -12.20 4.02 -24.19
N PHE A 376 -13.21 4.76 -23.76
CA PHE A 376 -14.37 5.02 -24.62
C PHE A 376 -13.98 5.86 -25.82
N THR A 377 -13.18 6.91 -25.60
CA THR A 377 -12.77 7.78 -26.71
C THR A 377 -11.95 7.01 -27.74
N PHE A 378 -11.11 6.09 -27.29
CA PHE A 378 -10.21 5.32 -28.14
C PHE A 378 -10.89 4.10 -28.78
N PHE A 379 -11.62 3.31 -27.99
CA PHE A 379 -12.16 2.06 -28.48
C PHE A 379 -13.51 2.21 -29.18
N CYS A 380 -14.29 3.24 -28.86
CA CYS A 380 -15.58 3.47 -29.51
C CYS A 380 -15.53 4.78 -30.29
N PRO A 381 -15.07 4.76 -31.54
CA PRO A 381 -15.12 5.99 -32.35
C PRO A 381 -16.52 6.38 -32.78
N ASP A 382 -17.51 5.50 -32.64
CA ASP A 382 -18.89 5.82 -32.97
C ASP A 382 -19.67 6.37 -31.79
N CYS A 383 -19.13 6.27 -30.57
CA CYS A 383 -19.76 6.89 -29.41
C CYS A 383 -19.47 8.38 -29.41
N SER A 384 -20.46 9.16 -28.95
CA SER A 384 -20.23 10.58 -28.74
C SER A 384 -19.16 10.77 -27.67
N HIS A 385 -18.28 11.74 -27.90
CA HIS A 385 -17.23 12.02 -26.94
C HIS A 385 -17.85 12.49 -25.62
N ALA A 386 -17.25 12.06 -24.51
CA ALA A 386 -17.73 12.45 -23.20
C ALA A 386 -17.82 13.97 -23.11
N PRO A 387 -18.87 14.52 -22.50
CA PRO A 387 -19.06 15.97 -22.51
C PRO A 387 -17.97 16.70 -21.73
N LEU A 388 -17.88 18.00 -22.02
CA LEU A 388 -16.81 18.81 -21.43
C LEU A 388 -16.88 18.79 -19.90
N TRP A 389 -18.07 18.90 -19.34
CA TRP A 389 -18.20 18.94 -17.88
C TRP A 389 -17.77 17.63 -17.24
N LEU A 390 -18.04 16.50 -17.91
CA LEU A 390 -17.66 15.20 -17.36
C LEU A 390 -16.16 14.99 -17.46
N MET A 391 -15.53 15.50 -18.52
CA MET A 391 -14.07 15.41 -18.63
C MET A 391 -13.39 16.08 -17.45
N TYR A 392 -13.80 17.32 -17.15
CA TYR A 392 -13.17 18.05 -16.06
C TYR A 392 -13.64 17.58 -14.70
N LEU A 393 -14.79 16.91 -14.62
CA LEU A 393 -15.15 16.23 -13.37
C LEU A 393 -14.20 15.08 -13.08
N ALA A 394 -13.81 14.34 -14.12
CA ALA A 394 -12.87 13.23 -13.95
C ALA A 394 -11.46 13.76 -13.68
N ILE A 395 -11.08 14.85 -14.35
CA ILE A 395 -9.76 15.44 -14.12
C ILE A 395 -9.66 15.94 -12.68
N VAL A 396 -10.72 16.61 -12.20
CA VAL A 396 -10.72 17.09 -10.82
C VAL A 396 -10.73 15.92 -9.84
N LEU A 397 -11.47 14.85 -10.15
CA LEU A 397 -11.52 13.71 -9.25
C LEU A 397 -10.14 13.07 -9.09
N SER A 398 -9.36 13.02 -10.16
CA SER A 398 -8.02 12.43 -10.06
C SER A 398 -7.10 13.28 -9.19
N HIS A 399 -7.30 14.61 -9.17
CA HIS A 399 -6.46 15.47 -8.35
C HIS A 399 -6.82 15.35 -6.88
N THR A 400 -8.08 15.06 -6.56
CA THR A 400 -8.48 14.90 -5.16
C THR A 400 -7.75 13.76 -4.48
N ASN A 401 -7.15 12.85 -5.25
CA ASN A 401 -6.40 11.76 -4.65
C ASN A 401 -5.21 12.27 -3.85
N SER A 402 -4.67 13.44 -4.23
CA SER A 402 -3.59 14.06 -3.48
C SER A 402 -4.04 14.68 -2.16
N VAL A 403 -5.34 14.60 -1.84
CA VAL A 403 -5.84 15.12 -0.58
C VAL A 403 -6.20 14.01 0.40
N VAL A 404 -6.49 12.80 -0.07
CA VAL A 404 -7.13 11.82 0.80
C VAL A 404 -6.13 11.07 1.68
N ASN A 405 -4.91 10.84 1.20
CA ASN A 405 -3.96 10.02 1.98
C ASN A 405 -3.67 10.57 3.36
N PRO A 406 -3.39 11.88 3.55
CA PRO A 406 -3.21 12.38 4.92
C PRO A 406 -4.42 12.13 5.81
N PHE A 407 -5.63 12.10 5.25
CA PHE A 407 -6.81 11.80 6.06
C PHE A 407 -6.86 10.33 6.47
N ILE A 408 -6.40 9.43 5.61
CA ILE A 408 -6.38 8.02 5.96
C ILE A 408 -5.42 7.77 7.13
N TYR A 409 -4.24 8.39 7.09
CA TYR A 409 -3.29 8.26 8.18
C TYR A 409 -3.87 8.77 9.49
N ALA A 410 -4.54 9.93 9.44
CA ALA A 410 -5.08 10.52 10.66
C ALA A 410 -6.20 9.68 11.25
N TYR A 411 -6.97 8.99 10.41
CA TYR A 411 -8.11 8.23 10.92
C TYR A 411 -7.78 6.79 11.26
N ARG A 412 -6.75 6.20 10.64
CA ARG A 412 -6.50 4.78 10.79
C ARG A 412 -5.16 4.43 11.42
N ILE A 413 -4.24 5.37 11.55
CA ILE A 413 -2.92 5.11 12.11
C ILE A 413 -2.74 6.01 13.32
N ARG A 414 -2.72 5.42 14.51
CA ARG A 414 -2.67 6.20 15.74
C ARG A 414 -1.38 7.01 15.85
N GLU A 415 -0.27 6.44 15.39
CA GLU A 415 1.01 7.15 15.50
C GLU A 415 1.02 8.40 14.62
N PHE A 416 0.38 8.33 13.44
CA PHE A 416 0.25 9.53 12.61
C PHE A 416 -0.72 10.52 13.25
N ARG A 417 -1.82 10.03 13.83
CA ARG A 417 -2.82 10.93 14.38
C ARG A 417 -2.29 11.68 15.60
N GLN A 418 -1.58 10.98 16.49
CA GLN A 418 -1.03 11.62 17.68
C GLN A 418 0.03 12.65 17.31
N THR A 419 0.85 12.36 16.30
CA THR A 419 1.85 13.32 15.85
C THR A 419 1.18 14.52 15.18
N PHE A 420 0.09 14.29 14.44
CA PHE A 420 -0.66 15.40 13.85
C PHE A 420 -1.20 16.33 14.92
N ARG A 421 -1.70 15.77 16.02
CA ARG A 421 -2.16 16.60 17.14
C ARG A 421 -1.00 17.40 17.72
N LYS A 422 0.13 16.73 17.98
CA LYS A 422 1.28 17.39 18.57
C LYS A 422 1.77 18.54 17.69
N ILE A 423 1.78 18.34 16.37
CA ILE A 423 2.21 19.40 15.47
C ILE A 423 1.23 20.56 15.48
N ILE A 424 -0.08 20.26 15.44
CA ILE A 424 -1.07 21.31 15.27
C ILE A 424 -1.26 22.11 16.55
N ARG A 425 -1.30 21.44 17.70
CA ARG A 425 -1.53 22.15 18.95
C ARG A 425 -0.32 23.00 19.34
N SER A 426 0.87 22.64 18.86
CA SER A 426 2.08 23.39 19.22
C SER A 426 2.23 24.64 18.36
C1 CLR B . -15.11 -0.93 -25.30
C2 CLR B . -15.64 -0.34 -26.57
C3 CLR B . -17.15 -0.49 -26.48
C4 CLR B . -17.73 0.38 -25.34
C5 CLR B . -17.03 0.22 -23.98
C6 CLR B . -17.79 -0.80 -23.13
C7 CLR B . -17.33 -0.67 -21.71
C8 CLR B . -15.82 -0.41 -21.67
C9 CLR B . -15.01 -0.82 -22.91
C10 CLR B . -15.49 -0.03 -24.12
C11 CLR B . -13.48 -0.60 -22.76
C12 CLR B . -12.91 -1.30 -21.55
C13 CLR B . -13.77 -1.00 -20.33
C14 CLR B . -15.25 -1.29 -20.59
C15 CLR B . -15.93 -0.98 -19.27
C16 CLR B . -14.90 -1.58 -18.30
C17 CLR B . -13.52 -1.77 -19.01
C18 CLR B . -13.62 0.52 -20.05
C19 CLR B . -14.69 1.30 -24.11
C20 CLR B . -12.31 -1.35 -18.10
C21 CLR B . -10.94 -1.89 -18.57
C22 CLR B . -12.45 -1.84 -16.63
C23 CLR B . -11.21 -1.70 -15.71
C24 CLR B . -10.82 -3.01 -14.98
C25 CLR B . -11.08 -3.05 -13.47
C26 CLR B . -10.12 -2.14 -12.69
C27 CLR B . -12.51 -2.64 -13.12
O1 CLR B . -17.58 -0.06 -27.74
C1 CLR C . -18.64 7.74 -22.67
C2 CLR C . -19.04 8.53 -23.86
C3 CLR C . -20.30 7.85 -24.38
C4 CLR C . -21.46 7.98 -23.39
C5 CLR C . -21.13 7.65 -21.94
C6 CLR C . -21.58 6.21 -21.64
C7 CLR C . -21.62 6.05 -20.14
C8 CLR C . -20.41 6.76 -19.50
C9 CLR C . -19.22 7.04 -20.43
C10 CLR C . -19.65 7.99 -21.55
C11 CLR C . -18.01 7.69 -19.70
C12 CLR C . -17.53 6.83 -18.55
C13 CLR C . -18.70 6.49 -17.67
C14 CLR C . -19.85 5.83 -18.45
C15 CLR C . -20.92 5.57 -17.41
C16 CLR C . -20.02 5.11 -16.23
C17 CLR C . -18.52 5.47 -16.51
C18 CLR C . -19.22 7.83 -17.09
C19 CLR C . -19.53 9.42 -20.98
C20 CLR C . -17.73 5.86 -15.22
C21 CLR C . -16.19 5.90 -15.40
C22 CLR C . -17.91 4.88 -14.02
C23 CLR C . -16.88 4.96 -12.87
C24 CLR C . -16.75 3.65 -12.06
C25 CLR C . -15.94 3.75 -10.76
C26 CLR C . -14.45 3.44 -10.96
C27 CLR C . -16.07 5.13 -10.11
O1 CLR C . -20.58 8.53 -25.57
C1 CLR D . 6.05 27.33 -22.48
C2 CLR D . 5.47 27.47 -23.84
C3 CLR D . 6.63 27.17 -24.78
C4 CLR D . 7.04 25.70 -24.70
C5 CLR D . 7.30 25.20 -23.28
C6 CLR D . 8.80 25.26 -23.00
C7 CLR D . 9.08 24.40 -21.81
C8 CLR D . 8.01 24.63 -20.72
C9 CLR D . 7.13 25.89 -20.87
C10 CLR D . 6.37 25.86 -22.20
C11 CLR D . 6.09 26.01 -19.71
C12 CLR D . 6.79 26.15 -18.38
C13 CLR D . 7.78 24.99 -18.24
C14 CLR D . 8.74 24.90 -19.43
C15 CLR D . 9.62 23.72 -19.09
C16 CLR D . 9.84 23.97 -17.59
C17 CLR D . 8.77 24.98 -17.04
C18 CLR D . 6.94 23.71 -18.20
C19 CLR D . 5.10 25.03 -21.94
C20 CLR D . 8.25 24.62 -15.60
C21 CLR D . 7.39 25.72 -14.93
C22 CLR D . 9.38 24.31 -14.57
C23 CLR D . 9.21 24.82 -13.12
C24 CLR D . 10.49 24.71 -12.28
C25 CLR D . 10.32 24.05 -10.90
C26 CLR D . 11.64 23.86 -10.17
C27 CLR D . 9.37 24.85 -10.00
O1 CLR D . 6.10 27.45 -26.06
C29 8IM E . -13.71 16.69 -26.76
C30 8IM E . -14.76 16.54 -27.67
C31 8IM E . -16.09 16.71 -27.24
C32 8IM E . -16.32 17.03 -25.90
C34 8IM E . -17.61 17.73 -28.78
C35 8IM E . -16.57 18.29 -29.81
C36 8IM E . -4.15 11.15 -17.07
C15 8IM E . -7.39 15.84 -20.80
C20 8IM E . -5.78 12.16 -18.76
C22 8IM E . -8.22 18.10 -21.83
C23 8IM E . -9.75 18.22 -21.52
C19 8IM E . -6.16 16.78 -19.16
C18 8IM E . -7.74 13.61 -21.33
C17 8IM E . -6.29 14.18 -19.38
C25 8IM E . -12.89 18.56 -23.78
C1 8IM E . -10.08 26.60 -25.60
C16 8IM E . -6.55 15.53 -19.70
C2 8IM E . -9.52 25.57 -26.61
C21 8IM E . -5.17 11.10 -17.98
C24 8IM E . -11.99 18.60 -22.50
C26 8IM E . -11.50 16.86 -24.73
C27 8IM E . -10.58 16.89 -23.47
C28 8IM E . -13.92 17.01 -25.41
C3 8IM E . -11.16 23.86 -27.00
C33 8IM E . -15.26 17.18 -25.01
C37 8IM E . -3.97 9.81 -16.60
C38 8IM E . -4.90 9.06 -17.25
C4 8IM E . -12.13 23.41 -28.12
C5 8IM E . -13.44 21.92 -26.83
C6 8IM E . -14.89 21.59 -26.43
C7 8IM E . -16.23 21.61 -28.38
C8 8IM E . -17.21 20.68 -29.18
C9 8IM E . -11.11 26.58 -23.48
N1 8IM E . -16.44 19.67 -29.94
N10 8IM E . -12.91 17.19 -24.37
N2 8IM E . -8.00 14.91 -21.64
N3 8IM E . -6.91 13.22 -20.24
N4 8IM E . -8.30 12.62 -22.09
N5 8IM E . -7.47 17.24 -20.87
N6 8IM E . -6.72 17.79 -19.86
N7 8IM E . -5.56 13.52 -18.45
N8 8IM E . -6.58 11.93 -19.84
N9 8IM E . -10.57 18.24 -22.79
O1 8IM E . -10.30 25.88 -24.40
O2 8IM E . -10.65 25.13 -27.36
O3 8IM E . -13.38 23.14 -27.54
O4 8IM E . -15.58 20.84 -27.41
O7 8IM E . -17.14 16.57 -28.12
O8 8IM E . -15.89 17.53 -30.49
O9 8IM E . -5.65 9.83 -18.11
C1 OLA F . 10.91 -3.58 -1.46
O1 OLA F . 9.88 -2.93 -1.12
O2 OLA F . 11.86 -3.85 -0.70
C2 OLA F . 10.97 -4.10 -2.93
C3 OLA F . 10.47 -3.06 -3.95
C4 OLA F . 9.75 -3.70 -5.16
C5 OLA F . 8.71 -2.77 -5.87
C6 OLA F . 9.33 -1.65 -6.74
C7 OLA F . 8.46 -1.19 -7.94
C1 OLA G . -10.28 33.27 -14.91
O1 OLA G . -10.24 34.31 -15.60
O2 OLA G . -10.95 32.25 -15.20
C2 OLA G . -9.44 33.24 -13.60
C3 OLA G . -10.26 33.54 -12.34
C4 OLA G . -10.31 32.35 -11.35
C5 OLA G . -10.78 32.71 -9.93
C6 OLA G . -10.01 32.00 -8.78
C7 OLA G . -9.88 32.78 -7.44
C8 OLA G . -8.95 32.15 -6.36
C9 OLA G . -9.58 31.03 -5.46
C1 OLA H . -3.02 32.15 -21.78
O1 OLA H . -3.55 31.69 -22.83
O2 OLA H . -3.38 33.27 -21.36
C2 OLA H . -1.95 31.37 -21.06
C3 OLA H . -2.58 30.53 -19.96
C4 OLA H . -1.76 30.60 -18.68
C5 OLA H . -2.22 29.55 -17.68
C6 OLA H . -1.57 29.75 -16.31
C7 OLA H . -2.57 29.41 -15.20
C8 OLA H . -2.09 29.92 -13.86
C9 OLA H . -1.39 28.81 -13.13
C10 OLA H . -1.32 28.81 -11.66
C11 OLA H . -0.92 30.07 -10.92
C12 OLA H . -0.71 29.74 -9.46
C13 OLA H . 0.36 28.66 -9.32
C14 OLA H . 1.71 29.29 -9.03
C15 OLA H . 2.10 29.08 -7.56
C16 OLA H . 2.43 27.62 -7.31
C17 OLA H . 3.86 27.47 -6.82
C18 OLA H . 3.99 27.98 -5.40
C1 OLA I . 0.37 36.29 -21.75
O1 OLA I . 0.70 37.25 -21.02
O2 OLA I . -0.10 36.51 -22.89
C2 OLA I . 0.51 34.87 -21.25
C3 OLA I . 0.20 34.84 -19.75
C4 OLA I . 1.19 33.97 -19.01
C5 OLA I . 0.61 33.56 -17.66
C6 OLA I . 1.67 33.67 -16.58
C7 OLA I . 1.64 32.44 -15.68
C8 OLA I . 2.37 32.74 -14.38
C9 OLA I . 2.63 31.45 -13.65
C10 OLA I . 3.39 31.50 -12.39
C11 OLA I . 4.31 32.67 -12.16
C12 OLA I . 5.47 32.25 -11.28
C13 OLA I . 5.00 31.53 -10.03
C14 OLA I . 5.62 32.16 -8.79
C15 OLA I . 5.96 31.11 -7.73
C16 OLA I . 7.32 30.49 -7.98
C17 OLA I . 7.60 29.38 -6.97
C1 OLA J . -2.63 34.92 -15.64
O1 OLA J . -3.66 34.44 -16.15
O2 OLA J . -2.31 36.10 -15.91
C2 OLA J . -1.78 34.09 -14.70
C3 OLA J . -1.19 34.96 -13.59
C4 OLA J . -1.72 34.53 -12.22
C5 OLA J . -1.18 35.43 -11.11
C6 OLA J . -1.15 34.70 -9.78
C7 OLA J . 0.19 34.89 -9.07
C8 OLA J . 0.46 33.77 -8.08
C9 OLA J . 1.94 33.72 -7.77
C10 OLA J . 2.51 32.63 -6.97
C11 OLA J . 1.91 32.29 -5.62
C1 OLA K . -9.06 -10.33 6.83
O1 OLA K . -9.90 -9.63 7.43
O2 OLA K . -8.32 -11.10 7.49
C2 OLA K . -8.94 -10.26 5.33
C3 OLA K . -9.27 -8.86 4.83
C4 OLA K . -10.26 -8.92 3.67
C5 OLA K . -9.77 -9.89 2.59
C1 OLA L . -14.84 23.75 -17.83
O1 OLA L . -15.56 24.59 -18.41
O2 OLA L . -13.63 23.66 -18.13
C2 OLA L . -15.44 22.85 -16.77
C3 OLA L . -16.74 23.48 -16.28
C4 OLA L . -16.91 23.28 -14.78
C5 OLA L . -16.96 21.80 -14.44
C6 OLA L . -15.99 21.46 -13.31
C7 OLA L . -16.67 20.52 -12.31
C8 OLA L . -16.07 20.63 -10.92
C9 OLA L . -17.16 20.33 -9.92
C10 OLA L . -16.82 20.03 -8.51
C11 OLA L . -15.72 19.05 -8.21
C12 OLA L . -15.80 18.61 -6.75
C13 OLA L . -14.70 17.62 -6.40
C14 OLA L . -15.23 16.46 -5.56
C1 OLA M . -16.76 39.65 -13.27
O1 OLA M . -17.43 40.67 -13.54
O2 OLA M . -16.92 39.09 -12.17
C2 OLA M . -15.76 39.12 -14.27
C3 OLA M . -15.71 37.60 -14.18
C4 OLA M . -16.26 36.94 -15.43
C5 OLA M . -16.26 35.43 -15.31
C6 OLA M . -17.58 34.92 -14.73
C7 OLA M . -17.39 34.30 -13.35
C8 OLA M . -18.52 33.32 -13.04
C9 OLA M . -18.19 32.50 -11.81
C10 OLA M . -19.05 31.38 -11.44
C1 OLA N . -7.29 -19.24 -1.80
O1 OLA N . -8.28 -19.10 -1.05
O2 OLA N . -6.34 -19.95 -1.43
C2 OLA N . -7.26 -18.53 -3.13
C3 OLA N . -7.82 -17.13 -2.95
C4 OLA N . -8.73 -16.76 -4.13
C5 OLA N . -7.98 -16.93 -5.43
C6 OLA N . -8.29 -15.78 -6.38
C7 OLA N . -9.37 -16.21 -7.37
C8 OLA N . -9.14 -15.55 -8.72
C9 OLA N . -9.54 -14.10 -8.63
C10 OLA N . -10.15 -13.45 -9.81
C11 OLA N . -9.70 -13.85 -11.19
C1 OLA O . -13.67 2.44 3.90
O1 OLA O . -14.49 1.91 4.69
O2 OLA O . -13.46 3.67 3.96
C2 OLA O . -12.93 1.59 2.89
C3 OLA O . -13.57 1.72 1.52
C4 OLA O . -12.56 2.22 0.49
C5 OLA O . -13.11 2.11 -0.93
C6 OLA O . -12.03 1.62 -1.88
C7 OLA O . -12.56 0.59 -2.87
C8 OLA O . -12.81 1.21 -4.24
C9 OLA O . -12.88 0.12 -5.28
C10 OLA O . -12.58 0.44 -6.69
C1 OLA P . 6.60 -11.43 -4.17
O1 OLA P . 7.38 -11.68 -3.23
O2 OLA P . 6.31 -12.35 -4.97
C2 OLA P . 6.01 -10.05 -4.34
C3 OLA P . 5.96 -9.69 -5.82
C4 OLA P . 4.52 -9.66 -6.34
C5 OLA P . 4.43 -8.98 -7.70
C6 OLA P . 5.45 -7.85 -7.84
C7 OLA P . 5.68 -7.47 -9.29
C8 OLA P . 7.13 -7.04 -9.49
C9 OLA P . 7.47 -5.94 -8.52
C10 OLA P . 8.86 -5.76 -8.07
C11 OLA P . 9.66 -6.95 -7.58
C12 OLA P . 11.08 -6.53 -7.26
C13 OLA P . 11.65 -5.68 -8.39
C14 OLA P . 12.82 -6.38 -9.08
C15 OLA P . 12.35 -7.07 -10.36
C16 OLA P . 12.29 -6.08 -11.52
C17 OLA P . 13.67 -5.84 -12.14
C18 OLA P . 13.66 -4.63 -13.07
C1 OLA Q . -23.52 20.98 -17.76
O1 OLA Q . -24.53 20.97 -18.50
O2 OLA Q . -22.66 21.87 -17.93
C2 OLA Q . -23.36 19.94 -16.68
C3 OLA Q . -24.06 20.40 -15.41
C4 OLA Q . -23.10 20.42 -14.23
C5 OLA Q . -22.54 19.03 -13.93
C6 OLA Q . -22.43 18.79 -12.43
C7 OLA Q . -21.01 19.05 -11.93
C1 OLA R . 8.82 19.02 5.55
O1 OLA R . 8.53 20.00 6.28
O2 OLA R . 9.67 18.20 5.96
C2 OLA R . 8.16 18.84 4.22
C3 OLA R . 8.19 20.15 3.45
C4 OLA R . 8.78 19.96 2.06
C5 OLA R . 7.83 20.54 1.00
C6 OLA R . 8.17 21.99 0.71
C7 OLA R . 7.78 22.36 -0.71
C8 OLA R . 6.31 22.79 -0.78
C9 OLA R . 6.09 23.61 -2.03
C1 OLA S . 10.35 28.99 -25.68
O1 OLA S . 10.95 30.07 -25.50
O2 OLA S . 9.50 28.90 -26.60
C2 OLA S . 10.63 27.81 -24.78
C3 OLA S . 10.72 28.27 -23.33
C4 OLA S . 11.75 27.44 -22.57
C5 OLA S . 11.33 27.28 -21.11
C6 OLA S . 12.54 27.07 -20.21
C7 OLA S . 12.36 27.83 -18.90
C8 OLA S . 12.29 26.91 -17.68
C9 OLA S . 13.62 26.23 -17.46
C10 OLA S . 13.87 25.55 -16.19
C11 OLA S . 13.44 26.21 -14.89
C12 OLA S . 13.69 25.29 -13.71
C13 OLA S . 15.14 25.33 -13.24
C14 OLA S . 15.41 24.17 -12.29
C1 OLA T . 11.97 21.85 -23.72
O1 OLA T . 11.74 22.52 -24.74
O2 OLA T . 13.15 21.66 -23.37
C2 OLA T . 10.83 21.25 -22.92
C3 OLA T . 11.28 19.94 -22.29
C4 OLA T . 11.32 20.02 -20.77
C5 OLA T . 12.30 21.08 -20.29
C6 OLA T . 13.05 20.60 -19.06
C7 OLA T . 12.30 20.96 -17.78
C8 OLA T . 13.19 20.83 -16.56
C9 OLA T . 14.51 21.52 -16.79
C10 OLA T . 15.65 21.21 -15.93
C11 OLA T . 15.40 20.84 -14.49
C12 OLA T . 16.65 20.23 -13.87
C13 OLA T . 16.36 19.65 -12.50
C1 OLA U . -8.35 -2.89 -31.45
O1 OLA U . -7.94 -1.71 -31.42
O2 OLA U . -8.59 -3.43 -32.55
C2 OLA U . -8.55 -3.67 -30.16
C3 OLA U . -7.33 -4.55 -29.90
C4 OLA U . -7.61 -5.56 -28.80
C5 OLA U . -7.81 -4.86 -27.47
C6 OLA U . -7.72 -5.85 -26.30
C7 OLA U . -6.75 -5.33 -25.24
C8 OLA U . -6.73 -6.22 -23.99
C9 OLA U . -5.31 -6.43 -23.55
C10 OLA U . -4.98 -6.88 -22.19
C11 OLA U . -5.29 -6.01 -21.01
C12 OLA U . -4.58 -6.54 -19.77
C13 OLA U . -4.84 -5.67 -18.55
C1 OLA V . -5.89 32.39 -18.20
O1 OLA V . -6.90 32.47 -18.94
O2 OLA V . -4.92 33.16 -18.42
C2 OLA V . -5.86 31.41 -17.05
C3 OLA V . -6.41 32.08 -15.81
C4 OLA V . -5.70 31.59 -14.56
C5 OLA V . -5.72 32.66 -13.47
C6 OLA V . -4.72 32.35 -12.36
C7 OLA V . -5.41 32.30 -11.00
C8 OLA V . -4.38 32.23 -9.89
C9 OLA V . -4.94 32.84 -8.63
C10 OLA V . -4.07 33.02 -7.44
C11 OLA V . -3.12 31.91 -7.06
C12 OLA V . -2.22 32.39 -5.91
C1 OLA W . -11.49 14.25 1.82
O1 OLA W . -11.79 15.07 2.71
O2 OLA W . -10.72 13.30 2.10
C2 OLA W . -12.04 14.41 0.42
C3 OLA W . -11.29 15.52 -0.31
C4 OLA W . -12.27 16.42 -1.06
C5 OLA W . -11.55 17.48 -1.91
C6 OLA W . -12.49 18.60 -2.31
C7 OLA W . -11.78 19.95 -2.32
C1 OLA X . -10.08 -1.84 -0.36
O1 OLA X . -10.71 -0.82 -0.01
O2 OLA X . -9.68 -2.64 0.52
C2 OLA X . -9.79 -2.10 -1.82
C3 OLA X . -8.55 -2.98 -1.93
C4 OLA X . -7.50 -2.36 -2.84
C5 OLA X . -7.61 -2.88 -4.27
C6 OLA X . -8.32 -1.88 -5.18
C7 OLA X . -7.65 -1.80 -6.54
C8 OLA X . -8.16 -2.89 -7.47
C9 OLA X . -7.91 -2.49 -8.91
C1 OLA Y . -11.97 9.61 3.34
O1 OLA Y . -11.30 10.23 4.19
O2 OLA Y . -11.88 8.37 3.29
C2 OLA Y . -12.87 10.36 2.39
C3 OLA Y . -13.23 9.48 1.19
C4 OLA Y . -13.44 10.35 -0.05
C5 OLA Y . -13.93 9.53 -1.24
C6 OLA Y . -13.70 10.27 -2.56
C7 OLA Y . -12.73 11.44 -2.41
C8 OLA Y . -13.15 12.63 -3.26
C9 OLA Y . -14.58 12.98 -2.98
C1 OLA Z . 11.72 12.62 5.84
O1 OLA Z . 10.54 12.24 5.91
O2 OLA Z . 12.57 12.11 6.62
C2 OLA Z . 12.14 13.67 4.84
C3 OLA Z . 11.06 14.75 4.79
C4 OLA Z . 11.21 15.62 3.55
C5 OLA Z . 10.90 14.85 2.27
C6 OLA Z . 11.16 15.71 1.04
C7 OLA Z . 9.92 16.52 0.71
C8 OLA Z . 9.89 16.97 -0.75
C9 OLA Z . 8.45 17.19 -1.15
C10 OLA Z . 8.08 17.46 -2.55
C11 OLA Z . 8.59 18.69 -3.26
C12 OLA Z . 7.85 18.85 -4.58
C13 OLA Z . 8.15 20.21 -5.22
C1 OLA AA . -23.72 11.83 -22.19
O1 OLA AA . -24.02 12.51 -23.19
O2 OLA AA . -23.15 10.73 -22.34
C2 OLA AA . -24.01 12.34 -20.80
C3 OLA AA . -24.02 11.17 -19.81
C4 OLA AA . -22.90 11.32 -18.79
C5 OLA AA . -22.84 10.11 -17.86
C6 OLA AA . -22.16 10.46 -16.53
C7 OLA AA . -22.67 9.59 -15.39
C8 OLA AA . -22.31 10.21 -14.04
C9 OLA AA . -22.48 11.70 -14.08
C10 OLA AA . -22.12 12.52 -12.92
C11 OLA AA . -22.46 12.04 -11.54
C12 OLA AA . -22.07 13.10 -10.51
C1 OLA BA . 13.23 11.87 -19.93
O1 OLA BA . 13.96 12.85 -20.19
O2 OLA BA . 12.49 11.41 -20.83
C2 OLA BA . 13.26 11.24 -18.57
C3 OLA BA . 14.43 10.26 -18.47
C4 OLA BA . 15.46 10.72 -17.46
C5 OLA BA . 14.95 10.56 -16.04
C6 OLA BA . 15.75 11.43 -15.08
C7 OLA BA . 14.84 12.11 -14.07
C8 OLA BA . 15.20 11.76 -12.64
C9 OLA BA . 14.70 12.88 -11.74
C10 OLA BA . 15.16 13.02 -10.36
C11 OLA BA . 14.72 12.05 -9.29
C12 OLA BA . 14.67 12.81 -7.96
C13 OLA BA . 14.11 11.96 -6.83
C14 OLA BA . 15.14 11.83 -5.72
C15 OLA BA . 14.81 10.66 -4.80
C16 OLA BA . 15.71 10.67 -3.57
C17 OLA BA . 15.81 9.29 -2.94
C18 OLA BA . 16.61 9.34 -1.64
C1 OLA CA . 13.52 17.68 -24.73
O1 OLA CA . 13.07 18.38 -25.65
O2 OLA CA . 14.70 17.86 -24.35
C2 OLA CA . 12.66 16.63 -24.08
C3 OLA CA . 13.51 15.67 -23.24
C4 OLA CA . 12.87 15.39 -21.89
C5 OLA CA . 12.88 16.62 -20.98
C6 OLA CA . 12.75 16.22 -19.52
C7 OLA CA . 13.92 16.76 -18.69
C8 OLA CA . 14.06 16.03 -17.36
C9 OLA CA . 13.12 16.63 -16.35
C10 OLA CA . 13.57 16.83 -14.96
C11 OLA CA . 14.46 15.81 -14.27
C12 OLA CA . 14.83 16.33 -12.89
C1 OLA DA . -2.86 -16.25 -4.11
O1 OLA DA . -4.00 -16.40 -3.60
O2 OLA DA . -2.04 -17.18 -4.00
C2 OLA DA . -2.50 -14.99 -4.83
C3 OLA DA . -3.73 -14.11 -5.02
C4 OLA DA . -3.82 -13.55 -6.44
C5 OLA DA . -4.95 -12.52 -6.52
C6 OLA DA . -5.59 -12.47 -7.90
C7 OLA DA . -5.40 -11.11 -8.56
C8 OLA DA . -4.38 -11.19 -9.69
C9 OLA DA . -2.99 -11.34 -9.12
C10 OLA DA . -1.80 -11.05 -9.95
C18 OLC EA . 11.88 4.50 -21.44
C10 OLC EA . 16.34 -0.72 -17.61
C9 OLC EA . 16.76 0.38 -16.96
C17 OLC EA . 10.62 4.09 -20.71
C11 OLC EA . 15.48 -0.68 -18.84
C8 OLC EA . 17.62 0.35 -15.71
C24 OLC EA . 21.95 1.93 -7.45
C16 OLC EA . 10.62 2.61 -20.32
C12 OLC EA . 14.45 0.47 -18.90
C7 OLC EA . 17.12 1.21 -14.54
C15 OLC EA . 12.00 2.14 -19.85
C13 OLC EA . 13.00 -0.02 -18.91
C6 OLC EA . 17.68 2.65 -14.57
C14 OLC EA . 11.96 1.09 -18.73
C5 OLC EA . 17.37 3.47 -13.30
C4 OLC EA . 18.56 3.52 -12.30
C3 OLC EA . 19.25 4.90 -12.27
C2 OLC EA . 20.48 4.94 -11.35
C21 OLC EA . 20.92 4.20 -7.86
C1 OLC EA . 20.08 5.12 -9.90
C22 OLC EA . 20.77 2.88 -7.06
O19 OLC EA . 19.59 6.10 -9.39
O25 OLC EA . 23.08 2.76 -7.56
O23 OLC EA . 20.88 3.24 -5.71
O20 OLC EA . 20.30 4.00 -9.12
C10 OLC FA . 2.68 -6.00 -18.55
C9 OLC FA . 1.85 -6.23 -19.58
C11 OLC FA . 3.40 -4.69 -18.34
C8 OLC FA . 1.55 -5.21 -20.64
C24 OLC FA . -3.57 -3.94 -31.76
C12 OLC FA . 4.50 -4.71 -17.26
C7 OLC FA . 0.05 -4.86 -20.86
C6 OLC FA . -0.38 -5.05 -22.33
C5 OLC FA . -0.78 -3.73 -23.05
C4 OLC FA . -2.00 -3.87 -24.00
C3 OLC FA . -2.11 -5.26 -24.65
C2 OLC FA . -1.71 -5.27 -26.15
C21 OLC FA . -3.10 -4.56 -29.35
C1 OLC FA . -2.80 -4.66 -27.00
C22 OLC FA . -2.54 -3.79 -30.58
O19 OLC FA . -3.98 -4.60 -26.74
O25 OLC FA . -3.75 -2.66 -32.26
O23 OLC FA . -2.50 -2.45 -30.18
O20 OLC FA . -2.36 -4.16 -28.21
C10 OLC GA . 10.15 17.37 -8.64
C9 OLC GA . 9.63 16.14 -8.78
C11 OLC GA . 10.49 18.26 -9.80
C8 OLC GA . 9.28 15.22 -7.62
C24 OLC GA . 14.09 8.28 2.76
C12 OLC GA . 11.59 19.33 -9.55
C7 OLC GA . 10.06 15.42 -6.30
C13 OLC GA . 11.89 19.54 -8.06
C6 OLC GA . 11.02 14.24 -6.00
C14 OLC GA . 11.07 20.69 -7.42
C5 OLC GA . 11.38 14.08 -4.50
C4 OLC GA . 11.50 12.61 -4.03
C3 OLC GA . 11.32 12.44 -2.51
C2 OLC GA . 11.70 11.03 -2.00
C21 OLC GA . 13.26 9.92 1.06
C1 OLC GA . 11.86 11.02 -0.50
C22 OLC GA . 12.81 8.97 2.20
O19 OLC GA . 11.65 11.95 0.26
O25 OLC GA . 14.27 8.81 4.05
O23 OLC GA . 12.26 9.80 3.19
O20 OLC GA . 12.30 9.83 0.02
C10 OLC HA . 4.08 26.91 -12.17
C9 OLC HA . 3.39 27.51 -13.17
C11 OLC HA . 4.41 27.57 -10.85
C8 OLC HA . 3.06 26.85 -14.49
C24 OLC HA . 1.28 34.44 -25.20
C12 OLC HA . 5.64 27.01 -10.13
C7 OLC HA . 3.47 27.63 -15.76
C6 OLC HA . 2.45 27.45 -16.92
C5 OLC HA . 3.00 27.79 -18.33
C4 OLC HA . 2.68 29.24 -18.78
C3 OLC HA . 2.40 29.38 -20.30
C2 OLC HA . 2.12 30.83 -20.71
C21 OLC HA . 2.04 32.30 -24.11
C1 OLC HA . 2.58 31.16 -22.11
C22 OLC HA . 0.82 33.01 -24.78
O19 OLC HA . 3.71 31.00 -22.56
O25 OLC HA . 0.12 35.18 -25.37
O23 OLC HA . 0.52 32.24 -25.90
O20 OLC HA . 1.59 31.66 -22.92
C1 PEG IA . 24.31 -4.45 0.11
O1 PEG IA . 25.68 -4.29 0.42
C2 PEG IA . 24.11 -4.81 -1.33
O2 PEG IA . 22.72 -4.92 -1.60
C3 PEG IA . 22.43 -5.20 -2.96
C4 PEG IA . 20.95 -5.19 -3.18
O4 PEG IA . 20.32 -6.21 -2.43
C1 PEG JA . 21.22 0.28 -2.02
O1 PEG JA . 22.34 1.07 -1.67
C2 PEG JA . 20.73 0.59 -3.40
O2 PEG JA . 19.62 -0.23 -3.71
C3 PEG JA . 19.53 -0.55 -5.09
C4 PEG JA . 18.33 -1.42 -5.33
O4 PEG JA . 18.37 -2.57 -4.51
#